data_3GH4
#
_entry.id   3GH4
#
_cell.length_a   95.615
_cell.length_b   101.981
_cell.length_c   107.622
_cell.angle_alpha   90.00
_cell.angle_beta   90.00
_cell.angle_gamma   90.00
#
_symmetry.space_group_name_H-M   'C 2 2 21'
#
loop_
_entity.id
_entity.type
_entity.pdbx_description
1 polymer beta-hexosaminidase
2 non-polymer 'SULFATE ION'
3 non-polymer 'ACETIC ACID'
4 water water
#
_entity_poly.entity_id   1
_entity_poly.type   'polypeptide(L)'
_entity_poly.pdbx_seq_one_letter_code
;MGSSHHHHHHSSGLVPRGSHMASMMSFIPESASASTSQPSILPKPVSYTVGSGQFVLTKNASIFVAGNNVGETDELFNIG
QALAKKLNASTGYTISVVKSNQPTAGSIYLTTVGGNAALGNEGYDLITTSNQVTLTANKPEGVFRGNQTLLQLLPAGIEK
NTVVSGVQWVIPHSNISDKPEYEYRGLMLDVARHFFTVDEVKRQIDLASQYKINKFHMHLSDDQGWRIEIKSWPDLIEIG
SKGQVGGGPGGYYTQEQFKDIVSYAAERYIEVIPEIDMPGHTNAALASYGELNPDGKRKAMRTDTAVGYSTLMPRAEITY
QFVEDVISELAAISPSPYIHLGGDESNATSAADYDYFFGRVTAIANSYGKKVVGWDPSDTSSGATSDSVLQNWTCSASTG
TAAKAKGMKVIVSPANAYLDMKYYSDSPIGLQWRGFVNTNRAYNWDPTDCIKGANIYGVESTLWTETFVTQDHLDYMLYP
KLLSNAEVGWTARGDRNWDDFKERLIEHTPRLQNKGIKFFADPIV
;
_entity_poly.pdbx_strand_id   A
#
loop_
_chem_comp.id
_chem_comp.type
_chem_comp.name
_chem_comp.formula
ACY non-polymer 'ACETIC ACID' 'C2 H4 O2'
SO4 non-polymer 'SULFATE ION' 'O4 S -2'
#
# COMPACT_ATOMS: atom_id res chain seq x y z
N HIS A 7 10.17 -37.25 -9.76
CA HIS A 7 9.56 -36.07 -10.44
C HIS A 7 10.58 -34.99 -10.83
N HIS A 8 10.24 -34.24 -11.88
CA HIS A 8 11.15 -33.25 -12.45
C HIS A 8 10.63 -31.84 -12.19
N HIS A 9 11.54 -30.95 -11.82
CA HIS A 9 11.19 -29.57 -11.48
C HIS A 9 12.15 -28.59 -12.17
N HIS A 10 11.73 -27.34 -12.30
CA HIS A 10 12.61 -26.28 -12.84
C HIS A 10 12.19 -24.91 -12.32
N SER A 11 13.11 -23.95 -12.42
CA SER A 11 12.81 -22.53 -12.23
C SER A 11 12.67 -21.83 -13.59
N SER A 12 12.08 -20.64 -13.57
CA SER A 12 11.77 -19.90 -14.80
C SER A 12 12.95 -19.09 -15.30
N GLY A 13 13.16 -19.13 -16.61
CA GLY A 13 14.07 -18.20 -17.26
C GLY A 13 13.27 -17.14 -17.99
N LEU A 14 13.96 -16.28 -18.73
CA LEU A 14 13.27 -15.29 -19.54
C LEU A 14 12.51 -15.97 -20.66
N VAL A 15 11.44 -15.32 -21.10
CA VAL A 15 10.58 -15.86 -22.15
C VAL A 15 11.26 -15.71 -23.50
N PRO A 16 11.35 -16.81 -24.28
CA PRO A 16 11.86 -16.69 -25.63
C PRO A 16 11.04 -15.68 -26.44
N ARG A 17 11.75 -14.79 -27.12
CA ARG A 17 11.16 -13.83 -28.04
C ARG A 17 10.46 -12.67 -27.31
N GLY A 18 10.69 -12.56 -26.00
CA GLY A 18 10.26 -11.37 -25.26
C GLY A 18 9.07 -11.58 -24.35
N SER A 19 8.75 -10.55 -23.56
CA SER A 19 7.65 -10.60 -22.60
C SER A 19 6.32 -10.94 -23.25
N HIS A 20 5.55 -11.83 -22.62
CA HIS A 20 4.16 -12.08 -23.04
C HIS A 20 3.26 -10.88 -22.78
N MET A 21 3.68 -9.97 -21.91
CA MET A 21 2.95 -8.72 -21.61
C MET A 21 3.19 -7.67 -22.68
N ALA A 22 3.92 -8.08 -23.70
CA ALA A 22 4.02 -7.36 -24.96
C ALA A 22 3.30 -8.18 -26.05
N SER A 23 3.54 -9.51 -26.10
CA SER A 23 3.07 -10.35 -27.23
C SER A 23 1.57 -10.73 -27.22
N MET A 24 1.00 -10.90 -26.03
CA MET A 24 -0.45 -11.19 -25.92
C MET A 24 -1.29 -9.99 -26.39
N SER A 37 -16.45 -14.83 -19.14
CA SER A 37 -15.67 -15.69 -20.03
C SER A 37 -14.23 -15.90 -19.54
N GLN A 38 -13.44 -14.84 -19.46
CA GLN A 38 -12.10 -14.92 -18.85
C GLN A 38 -11.85 -13.85 -17.78
N PRO A 39 -12.36 -14.08 -16.55
CA PRO A 39 -12.01 -13.28 -15.39
C PRO A 39 -10.51 -13.31 -15.10
N SER A 40 -10.00 -12.27 -14.45
CA SER A 40 -8.58 -12.22 -14.12
C SER A 40 -8.37 -11.80 -12.68
N ILE A 41 -8.57 -12.73 -11.75
CA ILE A 41 -8.52 -12.41 -10.31
C ILE A 41 -7.11 -12.43 -9.71
N LEU A 42 -6.71 -11.27 -9.21
CA LEU A 42 -5.41 -11.10 -8.59
C LEU A 42 -5.64 -10.14 -7.43
N PRO A 43 -5.24 -10.54 -6.21
CA PRO A 43 -4.60 -11.81 -5.81
C PRO A 43 -5.51 -13.03 -5.96
N LYS A 44 -4.94 -14.24 -6.02
CA LYS A 44 -5.71 -15.48 -6.15
C LYS A 44 -6.60 -15.64 -4.91
N PRO A 45 -7.91 -15.85 -5.10
CA PRO A 45 -8.81 -16.03 -3.95
C PRO A 45 -8.74 -17.44 -3.38
N VAL A 46 -9.27 -17.62 -2.17
CA VAL A 46 -9.23 -18.91 -1.49
C VAL A 46 -9.86 -20.01 -2.34
N SER A 47 -11.00 -19.71 -2.96
CA SER A 47 -11.67 -20.66 -3.84
C SER A 47 -12.38 -19.94 -4.98
N TYR A 48 -12.39 -20.57 -6.15
CA TYR A 48 -13.06 -20.01 -7.31
C TYR A 48 -13.49 -21.19 -8.17
N THR A 49 -14.80 -21.36 -8.35
CA THR A 49 -15.31 -22.39 -9.26
C THR A 49 -16.24 -21.72 -10.24
N VAL A 50 -16.37 -22.32 -11.43
CA VAL A 50 -17.17 -21.75 -12.50
C VAL A 50 -18.19 -22.81 -12.93
N GLY A 51 -19.43 -22.38 -13.13
CA GLY A 51 -20.52 -23.27 -13.58
C GLY A 51 -21.00 -22.85 -14.95
N SER A 52 -22.08 -23.45 -15.43
CA SER A 52 -22.60 -23.11 -16.75
C SER A 52 -23.49 -21.88 -16.67
N GLY A 53 -23.50 -21.08 -17.74
CA GLY A 53 -24.34 -19.89 -17.80
C GLY A 53 -23.58 -18.64 -17.40
N GLN A 54 -24.27 -17.50 -17.48
CA GLN A 54 -23.63 -16.21 -17.25
C GLN A 54 -24.63 -15.12 -16.89
N PHE A 55 -24.13 -14.12 -16.17
CA PHE A 55 -24.88 -12.96 -15.80
C PHE A 55 -24.50 -11.90 -16.81
N VAL A 56 -25.47 -11.09 -17.23
CA VAL A 56 -25.19 -9.99 -18.12
C VAL A 56 -25.52 -8.69 -17.42
N LEU A 57 -24.52 -7.80 -17.34
CA LEU A 57 -24.74 -6.46 -16.82
C LEU A 57 -25.32 -5.58 -17.93
N THR A 58 -26.55 -5.10 -17.74
CA THR A 58 -27.21 -4.27 -18.75
C THR A 58 -27.45 -2.85 -18.24
N LYS A 59 -27.93 -1.99 -19.13
CA LYS A 59 -28.15 -0.57 -18.80
C LYS A 59 -29.21 -0.35 -17.73
N ASN A 60 -30.01 -1.38 -17.48
CA ASN A 60 -31.10 -1.32 -16.50
C ASN A 60 -30.72 -1.83 -15.10
N ALA A 61 -29.50 -2.31 -14.94
CA ALA A 61 -29.05 -2.88 -13.67
C ALA A 61 -28.98 -1.83 -12.56
N SER A 62 -29.33 -2.26 -11.34
CA SER A 62 -29.14 -1.47 -10.12
C SER A 62 -28.25 -2.26 -9.16
N ILE A 63 -27.64 -1.56 -8.21
CA ILE A 63 -26.91 -2.20 -7.12
C ILE A 63 -27.79 -2.07 -5.90
N PHE A 64 -28.17 -3.22 -5.34
CA PHE A 64 -28.98 -3.24 -4.13
C PHE A 64 -28.06 -3.43 -2.94
N VAL A 65 -28.30 -2.71 -1.85
CA VAL A 65 -27.48 -2.87 -0.64
C VAL A 65 -28.34 -3.13 0.60
N ALA A 66 -27.86 -4.02 1.49
CA ALA A 66 -28.61 -4.39 2.69
C ALA A 66 -27.66 -4.79 3.79
N GLY A 67 -27.67 -4.01 4.87
CA GLY A 67 -26.84 -4.31 6.05
C GLY A 67 -27.71 -4.79 7.21
N ASN A 68 -27.07 -5.05 8.35
CA ASN A 68 -27.81 -5.57 9.51
C ASN A 68 -28.60 -4.52 10.27
N ASN A 69 -28.29 -3.25 10.02
CA ASN A 69 -29.05 -2.13 10.58
C ASN A 69 -28.92 -0.96 9.62
N VAL A 70 -29.66 0.11 9.87
CA VAL A 70 -29.65 1.25 8.94
C VAL A 70 -28.27 1.90 8.78
N GLY A 71 -27.50 1.94 9.88
CA GLY A 71 -26.15 2.54 9.84
C GLY A 71 -25.25 1.73 8.91
N GLU A 72 -25.33 0.41 9.01
CA GLU A 72 -24.51 -0.44 8.16
C GLU A 72 -24.98 -0.38 6.71
N THR A 73 -26.29 -0.40 6.50
CA THR A 73 -26.84 -0.19 5.15
C THR A 73 -26.34 1.12 4.53
N ASP A 74 -26.27 2.19 5.33
CA ASP A 74 -25.79 3.48 4.79
C ASP A 74 -24.34 3.41 4.34
N GLU A 75 -23.51 2.67 5.09
CA GLU A 75 -22.10 2.51 4.71
C GLU A 75 -22.00 1.66 3.45
N LEU A 76 -22.78 0.59 3.37
CA LEU A 76 -22.83 -0.23 2.16
C LEU A 76 -23.30 0.59 0.96
N PHE A 77 -24.24 1.50 1.21
CA PHE A 77 -24.73 2.40 0.16
C PHE A 77 -23.60 3.22 -0.45
N ASN A 78 -22.69 3.74 0.38
CA ASN A 78 -21.55 4.50 -0.11
C ASN A 78 -20.62 3.62 -0.95
N ILE A 79 -20.38 2.41 -0.46
CA ILE A 79 -19.60 1.40 -1.21
C ILE A 79 -20.25 1.10 -2.56
N GLY A 80 -21.56 0.87 -2.54
CA GLY A 80 -22.33 0.71 -3.77
C GLY A 80 -22.17 1.87 -4.74
N GLN A 81 -22.21 3.10 -4.25
CA GLN A 81 -22.07 4.25 -5.14
C GLN A 81 -20.70 4.29 -5.80
N ALA A 82 -19.67 3.92 -5.04
CA ALA A 82 -18.30 3.91 -5.57
C ALA A 82 -18.19 2.85 -6.67
N LEU A 83 -18.79 1.70 -6.44
CA LEU A 83 -18.83 0.63 -7.45
C LEU A 83 -19.57 1.09 -8.71
N ALA A 84 -20.73 1.73 -8.51
CA ALA A 84 -21.56 2.22 -9.61
C ALA A 84 -20.79 3.24 -10.48
N LYS A 85 -20.15 4.20 -9.81
CA LYS A 85 -19.28 5.15 -10.50
C LYS A 85 -18.27 4.44 -11.40
N LYS A 86 -17.58 3.41 -10.88
CA LYS A 86 -16.57 2.68 -11.67
C LYS A 86 -17.18 1.96 -12.86
N LEU A 87 -18.29 1.27 -12.62
CA LEU A 87 -18.99 0.53 -13.68
C LEU A 87 -19.54 1.45 -14.75
N ASN A 88 -20.08 2.59 -14.31
CA ASN A 88 -20.66 3.58 -15.22
C ASN A 88 -19.62 4.19 -16.17
N ALA A 89 -18.39 4.36 -15.69
CA ALA A 89 -17.33 5.04 -16.47
C ALA A 89 -16.99 4.27 -17.75
N SER A 90 -16.95 2.94 -17.65
CA SER A 90 -16.60 2.09 -18.80
C SER A 90 -17.81 1.58 -19.59
N THR A 91 -18.94 1.32 -18.92
CA THR A 91 -20.13 0.83 -19.62
C THR A 91 -20.92 1.97 -20.26
N GLY A 92 -20.74 3.17 -19.72
CA GLY A 92 -21.55 4.31 -20.10
C GLY A 92 -22.97 4.22 -19.57
N TYR A 93 -23.22 3.27 -18.66
CA TYR A 93 -24.55 3.17 -18.02
C TYR A 93 -24.68 4.19 -16.89
N THR A 94 -25.89 4.31 -16.34
CA THR A 94 -26.12 5.05 -15.11
C THR A 94 -26.76 4.14 -14.07
N ILE A 95 -25.99 3.16 -13.63
CA ILE A 95 -26.39 2.24 -12.58
C ILE A 95 -26.54 3.04 -11.28
N SER A 96 -27.69 2.89 -10.63
CA SER A 96 -27.93 3.56 -9.37
C SER A 96 -27.99 2.53 -8.26
N VAL A 97 -27.96 3.01 -7.02
CA VAL A 97 -27.87 2.16 -5.85
C VAL A 97 -29.16 2.30 -5.05
N VAL A 98 -29.70 1.18 -4.57
CA VAL A 98 -30.99 1.13 -3.90
C VAL A 98 -30.77 0.47 -2.55
N LYS A 99 -31.35 1.05 -1.49
CA LYS A 99 -31.32 0.42 -0.17
C LYS A 99 -32.49 -0.54 -0.07
N SER A 100 -32.22 -1.81 -0.36
CA SER A 100 -33.26 -2.85 -0.33
C SER A 100 -32.61 -4.22 -0.31
N ASN A 101 -33.26 -5.16 0.38
CA ASN A 101 -32.85 -6.56 0.37
C ASN A 101 -33.67 -7.41 -0.61
N GLN A 102 -34.32 -6.74 -1.56
CA GLN A 102 -35.11 -7.44 -2.58
C GLN A 102 -34.62 -7.13 -3.99
N PRO A 103 -33.39 -7.58 -4.31
CA PRO A 103 -32.84 -7.36 -5.64
C PRO A 103 -33.68 -7.99 -6.73
N THR A 104 -33.69 -7.28 -7.85
CA THR A 104 -34.45 -7.57 -9.01
C THR A 104 -33.54 -8.39 -9.97
N ALA A 105 -34.11 -9.20 -10.88
CA ALA A 105 -33.27 -9.94 -11.82
C ALA A 105 -32.36 -8.97 -12.59
N GLY A 106 -31.09 -9.34 -12.76
CA GLY A 106 -30.07 -8.48 -13.39
C GLY A 106 -29.36 -7.51 -12.43
N SER A 107 -29.64 -7.64 -11.13
CA SER A 107 -29.05 -6.77 -10.11
C SER A 107 -27.72 -7.28 -9.59
N ILE A 108 -26.91 -6.36 -9.09
CA ILE A 108 -25.81 -6.67 -8.18
C ILE A 108 -26.33 -6.41 -6.77
N TYR A 109 -26.04 -7.33 -5.84
CA TYR A 109 -26.54 -7.25 -4.48
C TYR A 109 -25.37 -7.37 -3.50
N LEU A 110 -25.24 -6.37 -2.66
CA LEU A 110 -24.17 -6.29 -1.66
C LEU A 110 -24.79 -6.36 -0.29
N THR A 111 -24.37 -7.37 0.49
CA THR A 111 -24.99 -7.55 1.80
C THR A 111 -24.00 -8.02 2.86
N THR A 112 -24.26 -7.62 4.10
CA THR A 112 -23.52 -8.13 5.25
C THR A 112 -24.42 -9.02 6.13
N VAL A 113 -25.63 -9.30 5.68
CA VAL A 113 -26.56 -10.14 6.45
C VAL A 113 -26.25 -11.64 6.26
N GLY A 114 -25.74 -12.26 7.32
CA GLY A 114 -25.40 -13.69 7.28
C GLY A 114 -23.99 -14.01 6.81
N GLY A 115 -23.09 -13.03 6.88
CA GLY A 115 -21.68 -13.27 6.57
C GLY A 115 -21.09 -14.50 7.26
N ASN A 116 -20.22 -15.22 6.56
CA ASN A 116 -19.48 -16.33 7.13
C ASN A 116 -18.35 -15.79 8.00
N ALA A 117 -18.54 -15.85 9.31
CA ALA A 117 -17.62 -15.26 10.29
C ALA A 117 -16.18 -15.76 10.15
N ALA A 118 -16.02 -16.98 9.65
CA ALA A 118 -14.69 -17.56 9.44
C ALA A 118 -13.88 -16.76 8.40
N LEU A 119 -14.56 -15.98 7.57
CA LEU A 119 -13.87 -15.16 6.57
C LEU A 119 -13.32 -13.83 7.13
N GLY A 120 -13.67 -13.51 8.37
CA GLY A 120 -13.18 -12.29 9.04
C GLY A 120 -13.64 -10.98 8.42
N ASN A 121 -13.05 -9.87 8.89
CA ASN A 121 -13.48 -8.52 8.50
C ASN A 121 -13.30 -8.24 7.00
N GLU A 122 -12.27 -8.84 6.41
CA GLU A 122 -11.96 -8.54 5.00
C GLU A 122 -12.46 -9.58 4.02
N GLY A 123 -13.00 -10.69 4.55
CA GLY A 123 -13.43 -11.80 3.69
C GLY A 123 -14.84 -11.66 3.14
N TYR A 124 -15.17 -12.49 2.17
CA TYR A 124 -16.45 -12.37 1.48
C TYR A 124 -16.73 -13.64 0.66
N ASP A 125 -18.01 -13.84 0.33
CA ASP A 125 -18.44 -14.82 -0.67
C ASP A 125 -18.96 -13.97 -1.82
N LEU A 126 -18.68 -14.41 -3.05
CA LEU A 126 -19.16 -13.70 -4.22
C LEU A 126 -19.72 -14.75 -5.17
N ILE A 127 -21.05 -14.77 -5.29
CA ILE A 127 -21.71 -15.79 -6.09
C ILE A 127 -22.49 -15.14 -7.20
N THR A 128 -22.18 -15.56 -8.43
CA THR A 128 -22.82 -15.04 -9.62
C THR A 128 -23.66 -16.11 -10.26
N THR A 129 -24.92 -15.77 -10.49
CA THR A 129 -25.87 -16.66 -11.18
C THR A 129 -26.34 -15.93 -12.42
N SER A 130 -27.16 -16.57 -13.25
CA SER A 130 -27.71 -15.90 -14.42
C SER A 130 -28.48 -14.63 -14.09
N ASN A 131 -29.22 -14.63 -12.97
CA ASN A 131 -30.06 -13.51 -12.63
C ASN A 131 -29.44 -12.49 -11.68
N GLN A 132 -28.36 -12.84 -10.99
CA GLN A 132 -27.89 -11.98 -9.89
C GLN A 132 -26.43 -12.17 -9.54
N VAL A 133 -25.78 -11.06 -9.19
CA VAL A 133 -24.47 -11.08 -8.54
C VAL A 133 -24.69 -10.79 -7.07
N THR A 134 -24.24 -11.70 -6.19
CA THR A 134 -24.44 -11.53 -4.76
C THR A 134 -23.11 -11.60 -3.99
N LEU A 135 -22.79 -10.49 -3.33
CA LEU A 135 -21.57 -10.40 -2.53
C LEU A 135 -22.02 -10.39 -1.08
N THR A 136 -21.61 -11.41 -0.33
CA THR A 136 -21.99 -11.55 1.08
C THR A 136 -20.75 -11.46 1.94
N ALA A 137 -20.73 -10.47 2.83
CA ALA A 137 -19.56 -10.27 3.71
C ALA A 137 -19.96 -10.12 5.19
N ASN A 138 -18.96 -10.15 6.06
CA ASN A 138 -19.18 -9.90 7.49
C ASN A 138 -19.28 -8.42 7.81
N LYS A 139 -18.51 -7.63 7.06
CA LYS A 139 -18.37 -6.20 7.32
C LYS A 139 -18.36 -5.45 6.01
N PRO A 140 -18.75 -4.16 6.02
CA PRO A 140 -18.56 -3.29 4.87
C PRO A 140 -17.17 -3.40 4.22
N GLU A 141 -16.11 -3.45 5.03
CA GLU A 141 -14.74 -3.58 4.52
C GLU A 141 -14.62 -4.76 3.55
N GLY A 142 -15.22 -5.88 3.93
CA GLY A 142 -15.19 -7.11 3.12
C GLY A 142 -15.99 -6.98 1.83
N VAL A 143 -17.07 -6.20 1.87
CA VAL A 143 -17.81 -5.89 0.64
C VAL A 143 -16.89 -5.09 -0.29
N PHE A 144 -16.20 -4.09 0.26
CA PHE A 144 -15.24 -3.33 -0.55
C PHE A 144 -14.16 -4.24 -1.16
N ARG A 145 -13.53 -5.09 -0.36
CA ARG A 145 -12.52 -5.99 -0.93
C ARG A 145 -13.12 -6.89 -2.02
N GLY A 146 -14.30 -7.44 -1.75
CA GLY A 146 -14.99 -8.30 -2.70
C GLY A 146 -15.31 -7.60 -4.01
N ASN A 147 -15.64 -6.30 -3.93
CA ASN A 147 -15.88 -5.51 -5.15
C ASN A 147 -14.66 -5.44 -6.07
N GLN A 148 -13.45 -5.56 -5.49
CA GLN A 148 -12.22 -5.57 -6.29
C GLN A 148 -12.15 -6.84 -7.14
N THR A 149 -12.64 -7.93 -6.58
CA THR A 149 -12.78 -9.20 -7.31
C THR A 149 -13.86 -9.10 -8.37
N LEU A 150 -15.01 -8.51 -8.01
CA LEU A 150 -16.12 -8.35 -8.94
C LEU A 150 -15.68 -7.63 -10.23
N LEU A 151 -14.86 -6.60 -10.07
CA LEU A 151 -14.36 -5.86 -11.22
C LEU A 151 -13.49 -6.72 -12.12
N GLN A 152 -12.82 -7.69 -11.52
CA GLN A 152 -11.95 -8.61 -12.26
C GLN A 152 -12.70 -9.78 -12.90
N LEU A 153 -13.97 -9.98 -12.50
CA LEU A 153 -14.81 -11.01 -13.10
C LEU A 153 -15.45 -10.53 -14.39
N LEU A 154 -15.71 -9.23 -14.49
CA LEU A 154 -16.21 -8.62 -15.72
C LEU A 154 -15.11 -8.59 -16.78
N PRO A 155 -15.49 -8.45 -18.08
CA PRO A 155 -14.48 -8.46 -19.15
C PRO A 155 -13.47 -7.33 -19.05
N ALA A 156 -12.25 -7.60 -19.48
CA ALA A 156 -11.30 -6.53 -19.73
C ALA A 156 -12.04 -5.49 -20.58
N GLY A 157 -11.86 -4.24 -20.20
CA GLY A 157 -12.61 -3.15 -20.78
C GLY A 157 -13.36 -2.47 -19.66
N ILE A 158 -13.85 -3.25 -18.71
CA ILE A 158 -14.60 -2.69 -17.57
C ILE A 158 -13.77 -1.69 -16.75
N GLU A 159 -12.44 -1.84 -16.78
CA GLU A 159 -11.56 -0.97 -15.98
C GLU A 159 -11.08 0.24 -16.76
N LYS A 160 -11.66 0.45 -17.93
CA LYS A 160 -11.42 1.67 -18.68
C LYS A 160 -12.06 2.85 -17.96
N ASN A 161 -11.41 4.01 -18.07
CA ASN A 161 -11.96 5.23 -17.49
C ASN A 161 -12.87 5.99 -18.46
N THR A 162 -13.00 5.48 -19.68
CA THR A 162 -13.91 6.06 -20.69
C THR A 162 -14.81 4.93 -21.25
N VAL A 163 -15.92 5.29 -21.88
CA VAL A 163 -16.91 4.31 -22.36
C VAL A 163 -16.34 3.36 -23.42
N VAL A 164 -16.53 2.05 -23.18
CA VAL A 164 -16.08 0.99 -24.08
C VAL A 164 -17.30 0.44 -24.82
N SER A 165 -17.21 0.40 -26.15
CA SER A 165 -18.26 -0.15 -26.98
C SER A 165 -17.86 -1.53 -27.49
N GLY A 166 -18.86 -2.30 -27.90
CA GLY A 166 -18.64 -3.60 -28.54
C GLY A 166 -18.25 -4.74 -27.64
N VAL A 167 -18.39 -4.57 -26.33
CA VAL A 167 -18.04 -5.61 -25.37
C VAL A 167 -19.27 -5.96 -24.57
N GLN A 168 -19.67 -7.23 -24.59
CA GLN A 168 -20.80 -7.62 -23.77
C GLN A 168 -20.35 -7.79 -22.33
N TRP A 169 -21.06 -7.14 -21.41
CA TRP A 169 -20.63 -7.07 -20.03
C TRP A 169 -21.13 -8.31 -19.27
N VAL A 170 -20.38 -9.39 -19.38
CA VAL A 170 -20.84 -10.67 -18.84
C VAL A 170 -19.97 -11.12 -17.67
N ILE A 171 -20.54 -11.94 -16.80
CA ILE A 171 -19.80 -12.57 -15.71
C ILE A 171 -20.20 -14.04 -15.72
N PRO A 172 -19.22 -14.97 -15.68
CA PRO A 172 -19.62 -16.37 -15.73
C PRO A 172 -20.32 -16.76 -14.42
N HIS A 173 -21.28 -17.68 -14.50
CA HIS A 173 -21.80 -18.29 -13.28
C HIS A 173 -20.60 -18.81 -12.49
N SER A 174 -20.45 -18.35 -11.25
CA SER A 174 -19.25 -18.67 -10.49
C SER A 174 -19.46 -18.56 -9.01
N ASN A 175 -18.57 -19.20 -8.25
CA ASN A 175 -18.65 -19.19 -6.80
C ASN A 175 -17.26 -18.92 -6.23
N ILE A 176 -17.14 -17.82 -5.48
CA ILE A 176 -15.86 -17.46 -4.87
C ILE A 176 -16.03 -17.33 -3.36
N SER A 177 -15.07 -17.88 -2.61
CA SER A 177 -14.95 -17.53 -1.19
C SER A 177 -13.53 -17.00 -1.03
N ASP A 178 -13.35 -16.04 -0.12
CA ASP A 178 -12.06 -15.39 -0.03
C ASP A 178 -11.84 -14.71 1.32
N LYS A 179 -10.57 -14.64 1.70
CA LYS A 179 -10.13 -13.94 2.92
C LYS A 179 -8.61 -13.80 2.82
N PRO A 180 -8.03 -12.79 3.51
CA PRO A 180 -6.59 -12.61 3.42
C PRO A 180 -5.81 -13.52 4.38
N GLU A 181 -4.59 -13.85 4.00
CA GLU A 181 -3.69 -14.59 4.89
C GLU A 181 -3.13 -13.66 5.98
N TYR A 182 -2.69 -12.46 5.55
CA TYR A 182 -2.13 -11.46 6.46
C TYR A 182 -3.00 -10.21 6.56
N GLU A 183 -3.05 -9.65 7.76
CA GLU A 183 -3.85 -8.46 8.07
C GLU A 183 -3.28 -7.17 7.49
N TYR A 184 -1.95 -7.10 7.41
CA TYR A 184 -1.31 -5.89 6.94
C TYR A 184 -0.71 -6.13 5.56
N ARG A 185 -1.22 -5.42 4.55
CA ARG A 185 -0.74 -5.59 3.19
C ARG A 185 -0.53 -4.20 2.63
N GLY A 186 0.68 -3.68 2.75
CA GLY A 186 0.89 -2.24 2.56
C GLY A 186 1.77 -1.80 1.41
N LEU A 187 1.65 -0.52 1.08
CA LEU A 187 2.55 0.12 0.14
C LEU A 187 3.07 1.38 0.80
N MET A 188 4.39 1.57 0.76
CA MET A 188 5.02 2.82 1.15
C MET A 188 5.43 3.61 -0.09
N LEU A 189 5.08 4.89 -0.11
CA LEU A 189 5.62 5.80 -1.12
C LEU A 189 6.54 6.84 -0.47
N ASP A 190 7.76 6.91 -0.98
CA ASP A 190 8.73 7.95 -0.60
C ASP A 190 8.40 9.24 -1.37
N VAL A 191 7.88 10.24 -0.67
CA VAL A 191 7.57 11.54 -1.28
C VAL A 191 8.59 12.61 -0.88
N ALA A 192 9.63 12.19 -0.14
CA ALA A 192 10.71 13.08 0.29
C ALA A 192 11.80 13.22 -0.78
N ARG A 193 12.21 12.08 -1.38
CA ARG A 193 13.28 12.08 -2.38
C ARG A 193 12.87 12.80 -3.66
N HIS A 194 11.66 12.51 -4.14
CA HIS A 194 10.96 13.31 -5.14
C HIS A 194 9.53 13.46 -4.70
N PHE A 195 9.00 14.65 -4.91
CA PHE A 195 7.65 14.97 -4.47
C PHE A 195 6.64 14.51 -5.51
N PHE A 196 5.51 14.00 -5.03
CA PHE A 196 4.38 13.65 -5.89
C PHE A 196 3.12 14.36 -5.43
N THR A 197 2.33 14.83 -6.40
CA THR A 197 1.16 15.66 -6.12
C THR A 197 0.10 14.87 -5.38
N VAL A 198 -0.83 15.58 -4.77
CA VAL A 198 -1.98 14.94 -4.13
C VAL A 198 -2.69 14.00 -5.13
N ASP A 199 -2.87 14.46 -6.37
CA ASP A 199 -3.53 13.64 -7.39
C ASP A 199 -2.75 12.38 -7.70
N GLU A 200 -1.43 12.51 -7.78
CA GLU A 200 -0.55 11.38 -8.10
C GLU A 200 -0.60 10.34 -6.98
N VAL A 201 -0.63 10.83 -5.74
CA VAL A 201 -0.70 9.97 -4.57
C VAL A 201 -2.06 9.27 -4.48
N LYS A 202 -3.14 10.03 -4.68
CA LYS A 202 -4.48 9.43 -4.74
C LYS A 202 -4.56 8.32 -5.80
N ARG A 203 -3.98 8.58 -6.97
CA ARG A 203 -3.99 7.57 -8.03
C ARG A 203 -3.28 6.28 -7.60
N GLN A 204 -2.11 6.41 -6.96
CA GLN A 204 -1.39 5.20 -6.55
C GLN A 204 -2.17 4.44 -5.48
N ILE A 205 -2.80 5.17 -4.55
CA ILE A 205 -3.69 4.58 -3.55
C ILE A 205 -4.85 3.86 -4.25
N ASP A 206 -5.49 4.54 -5.19
CA ASP A 206 -6.60 3.95 -5.95
C ASP A 206 -6.19 2.64 -6.65
N LEU A 207 -5.08 2.69 -7.40
CA LEU A 207 -4.59 1.52 -8.15
C LEU A 207 -4.28 0.36 -7.21
N ALA A 208 -3.53 0.65 -6.15
CA ALA A 208 -3.18 -0.37 -5.16
C ALA A 208 -4.41 -1.03 -4.54
N SER A 209 -5.44 -0.23 -4.26
CA SER A 209 -6.66 -0.72 -3.62
C SER A 209 -7.33 -1.84 -4.44
N GLN A 210 -7.17 -1.76 -5.76
CA GLN A 210 -7.81 -2.70 -6.68
C GLN A 210 -7.19 -4.09 -6.56
N TYR A 211 -6.03 -4.15 -5.90
CA TYR A 211 -5.32 -5.41 -5.68
C TYR A 211 -5.30 -5.81 -4.22
N LYS A 212 -6.24 -5.24 -3.45
CA LYS A 212 -6.46 -5.55 -2.02
C LYS A 212 -5.35 -5.11 -1.07
N ILE A 213 -4.49 -4.19 -1.53
CA ILE A 213 -3.62 -3.46 -0.64
C ILE A 213 -4.53 -2.67 0.32
N ASN A 214 -4.24 -2.75 1.62
CA ASN A 214 -5.11 -2.13 2.62
C ASN A 214 -4.42 -1.14 3.56
N LYS A 215 -3.14 -0.84 3.28
CA LYS A 215 -2.33 0.08 4.09
C LYS A 215 -1.48 0.94 3.20
N PHE A 216 -1.41 2.25 3.50
CA PHE A 216 -0.54 3.15 2.75
C PHE A 216 0.35 3.92 3.71
N HIS A 217 1.66 3.66 3.62
CA HIS A 217 2.66 4.27 4.49
C HIS A 217 3.30 5.43 3.72
N MET A 218 3.18 6.65 4.25
CA MET A 218 3.76 7.82 3.58
C MET A 218 5.08 8.22 4.22
N HIS A 219 6.16 8.14 3.47
CA HIS A 219 7.46 8.55 3.99
C HIS A 219 7.60 10.05 3.67
N LEU A 220 7.22 10.85 4.65
CA LEU A 220 6.95 12.29 4.47
C LEU A 220 8.16 13.18 4.67
N SER A 221 9.28 12.60 5.12
CA SER A 221 10.44 13.41 5.45
C SER A 221 11.69 12.59 5.32
N ASP A 222 12.75 13.22 4.84
CA ASP A 222 14.05 12.57 4.76
C ASP A 222 15.11 13.66 4.65
N ASP A 223 16.27 13.32 4.13
CA ASP A 223 17.38 14.28 4.05
C ASP A 223 17.11 15.38 3.03
N GLN A 224 16.43 15.02 1.94
CA GLN A 224 16.32 15.91 0.79
C GLN A 224 15.04 16.73 0.77
N GLY A 225 14.16 16.49 1.74
CA GLY A 225 12.90 17.21 1.79
C GLY A 225 11.99 16.86 2.96
N TRP A 226 11.22 17.86 3.38
CA TRP A 226 10.19 17.75 4.41
C TRP A 226 8.84 18.08 3.76
N ARG A 227 7.87 17.18 3.85
CA ARG A 227 6.65 17.27 3.00
C ARG A 227 5.34 17.53 3.73
N ILE A 228 5.36 17.75 5.04
CA ILE A 228 4.10 18.00 5.76
C ILE A 228 4.12 19.31 6.56
N GLU A 229 3.11 20.14 6.32
CA GLU A 229 2.98 21.41 7.04
C GLU A 229 2.93 21.17 8.55
N ILE A 230 3.83 21.84 9.29
CA ILE A 230 3.82 21.84 10.76
C ILE A 230 3.73 23.31 11.14
N LYS A 231 2.56 23.72 11.62
CA LYS A 231 2.27 25.13 11.85
C LYS A 231 3.20 25.77 12.89
N SER A 232 3.60 25.00 13.89
CA SER A 232 4.47 25.50 14.95
C SER A 232 5.93 25.65 14.54
N TRP A 233 6.29 25.06 13.39
CA TRP A 233 7.65 25.12 12.86
C TRP A 233 7.58 25.38 11.35
N PRO A 234 7.14 26.59 10.97
CA PRO A 234 6.77 26.84 9.56
C PRO A 234 7.93 26.74 8.56
N ASP A 235 9.17 26.89 9.03
CA ASP A 235 10.29 26.80 8.11
C ASP A 235 10.57 25.39 7.62
N LEU A 236 9.96 24.39 8.26
CA LEU A 236 10.03 23.02 7.73
C LEU A 236 9.54 23.00 6.29
N ILE A 237 8.51 23.81 6.01
CA ILE A 237 8.00 23.97 4.65
C ILE A 237 8.73 25.11 3.92
N GLU A 238 8.82 26.27 4.55
CA GLU A 238 9.40 27.45 3.89
C GLU A 238 10.83 27.23 3.40
N ILE A 239 11.58 26.40 4.14
CA ILE A 239 12.94 26.06 3.74
C ILE A 239 13.04 24.59 3.35
N GLY A 240 12.54 23.72 4.22
CA GLY A 240 12.80 22.28 4.08
C GLY A 240 12.06 21.54 2.97
N SER A 241 11.03 22.16 2.40
CA SER A 241 10.24 21.55 1.31
C SER A 241 10.67 22.00 -0.09
N LYS A 242 11.61 22.95 -0.14
CA LYS A 242 11.90 23.67 -1.39
C LYS A 242 12.86 22.97 -2.34
N GLY A 243 13.16 21.71 -2.08
CA GLY A 243 14.01 20.94 -2.98
C GLY A 243 13.65 19.47 -2.98
N GLN A 244 14.53 18.68 -3.59
CA GLN A 244 14.38 17.23 -3.67
C GLN A 244 15.68 16.70 -4.29
N VAL A 245 15.78 15.38 -4.44
CA VAL A 245 16.94 14.79 -5.11
C VAL A 245 17.07 15.41 -6.51
N GLY A 246 18.28 15.79 -6.87
CA GLY A 246 18.54 16.46 -8.15
C GLY A 246 18.07 17.90 -8.12
N GLY A 247 17.78 18.45 -9.29
CA GLY A 247 17.39 19.85 -9.43
C GLY A 247 16.12 20.28 -8.72
N GLY A 248 15.01 19.64 -9.07
CA GLY A 248 13.61 20.02 -8.72
C GLY A 248 13.20 21.03 -7.66
N PRO A 249 11.98 21.58 -7.80
CA PRO A 249 11.43 22.54 -6.84
C PRO A 249 10.86 21.89 -5.58
N GLY A 250 10.70 20.58 -5.57
CA GLY A 250 10.10 19.91 -4.40
C GLY A 250 8.59 20.14 -4.28
N GLY A 251 8.13 20.42 -3.07
CA GLY A 251 6.70 20.59 -2.81
C GLY A 251 6.34 20.09 -1.42
N TYR A 252 5.06 20.19 -1.07
CA TYR A 252 4.60 19.70 0.22
C TYR A 252 3.08 19.57 0.27
N TYR A 253 2.59 18.90 1.32
CA TYR A 253 1.16 18.82 1.60
C TYR A 253 0.83 19.73 2.76
N THR A 254 -0.17 20.58 2.56
CA THR A 254 -0.75 21.29 3.70
C THR A 254 -1.41 20.23 4.56
N GLN A 255 -1.73 20.58 5.79
CA GLN A 255 -2.49 19.66 6.64
C GLN A 255 -3.85 19.35 6.04
N GLU A 256 -4.46 20.31 5.33
CA GLU A 256 -5.74 20.03 4.67
C GLU A 256 -5.59 19.01 3.55
N GLN A 257 -4.52 19.14 2.75
CA GLN A 257 -4.22 18.15 1.71
C GLN A 257 -3.93 16.76 2.29
N PHE A 258 -3.21 16.72 3.41
CA PHE A 258 -3.01 15.43 4.09
C PHE A 258 -4.33 14.80 4.53
N LYS A 259 -5.20 15.59 5.15
CA LYS A 259 -6.52 15.08 5.54
C LYS A 259 -7.31 14.58 4.34
N ASP A 260 -7.15 15.24 3.20
CA ASP A 260 -7.84 14.83 1.96
C ASP A 260 -7.34 13.43 1.52
N ILE A 261 -6.03 13.24 1.57
CA ILE A 261 -5.44 11.93 1.23
C ILE A 261 -5.99 10.83 2.17
N VAL A 262 -5.98 11.12 3.47
CA VAL A 262 -6.50 10.21 4.49
C VAL A 262 -7.96 9.86 4.20
N SER A 263 -8.76 10.87 3.89
CA SER A 263 -10.17 10.65 3.60
C SER A 263 -10.36 9.78 2.36
N TYR A 264 -9.56 10.05 1.32
CA TYR A 264 -9.61 9.30 0.05
C TYR A 264 -9.25 7.83 0.28
N ALA A 265 -8.20 7.61 1.07
CA ALA A 265 -7.81 6.25 1.43
C ALA A 265 -8.90 5.54 2.24
N ALA A 266 -9.54 6.28 3.15
CA ALA A 266 -10.61 5.71 4.00
C ALA A 266 -11.78 5.15 3.19
N GLU A 267 -12.08 5.80 2.07
CA GLU A 267 -13.16 5.34 1.18
C GLU A 267 -12.84 4.00 0.53
N ARG A 268 -11.55 3.64 0.57
CA ARG A 268 -11.04 2.37 0.07
C ARG A 268 -10.59 1.46 1.22
N TYR A 269 -10.97 1.80 2.45
CA TYR A 269 -10.64 1.00 3.65
C TYR A 269 -9.14 0.78 3.75
N ILE A 270 -8.41 1.85 3.46
CA ILE A 270 -6.97 1.88 3.55
C ILE A 270 -6.55 2.82 4.68
N GLU A 271 -5.80 2.25 5.61
CA GLU A 271 -5.22 2.98 6.71
C GLU A 271 -3.98 3.71 6.21
N VAL A 272 -3.87 5.00 6.54
CA VAL A 272 -2.68 5.79 6.19
C VAL A 272 -1.80 5.91 7.41
N ILE A 273 -0.56 5.43 7.31
CA ILE A 273 0.40 5.56 8.40
C ILE A 273 1.49 6.56 7.99
N PRO A 274 1.50 7.75 8.59
CA PRO A 274 2.49 8.76 8.23
C PRO A 274 3.83 8.47 8.89
N GLU A 275 4.94 8.72 8.20
CA GLU A 275 6.27 8.57 8.81
C GLU A 275 7.04 9.86 8.87
N ILE A 276 7.48 10.21 10.07
CA ILE A 276 8.50 11.25 10.27
C ILE A 276 9.76 10.52 10.73
N ASP A 277 10.73 10.36 9.83
CA ASP A 277 11.88 9.53 10.11
C ASP A 277 12.81 10.26 11.09
N MET A 278 13.22 9.55 12.14
CA MET A 278 14.11 10.09 13.16
C MET A 278 14.82 8.92 13.87
N PRO A 279 16.01 9.17 14.47
CA PRO A 279 16.76 10.43 14.52
C PRO A 279 17.62 10.66 13.27
N GLY A 280 17.78 9.64 12.44
CA GLY A 280 18.49 9.78 11.17
C GLY A 280 17.56 10.22 10.04
N HIS A 281 18.12 10.37 8.84
CA HIS A 281 17.34 10.84 7.68
C HIS A 281 16.58 12.15 7.98
N THR A 282 17.26 13.06 8.67
CA THR A 282 16.66 14.30 9.16
C THR A 282 17.29 15.57 8.60
N ASN A 283 18.09 15.48 7.53
CA ASN A 283 18.73 16.68 7.04
C ASN A 283 17.77 17.83 6.71
N ALA A 284 16.61 17.54 6.12
CA ALA A 284 15.68 18.60 5.74
C ALA A 284 15.24 19.42 6.97
N ALA A 285 14.96 18.75 8.09
CA ALA A 285 14.66 19.48 9.33
C ALA A 285 15.87 20.29 9.81
N LEU A 286 17.05 19.69 9.74
CA LEU A 286 18.30 20.33 10.16
C LEU A 286 18.70 21.51 9.27
N ALA A 287 18.21 21.51 8.04
CA ALA A 287 18.45 22.61 7.11
C ALA A 287 17.44 23.75 7.27
N SER A 288 16.36 23.49 8.01
CA SER A 288 15.27 24.45 8.22
C SER A 288 15.46 25.24 9.51
N TYR A 289 15.96 24.57 10.55
CA TYR A 289 16.15 25.16 11.87
C TYR A 289 17.56 24.93 12.41
N GLY A 290 18.33 26.03 12.48
CA GLY A 290 19.69 25.96 13.01
C GLY A 290 19.76 25.42 14.43
N GLU A 291 18.77 25.76 15.26
CA GLU A 291 18.76 25.36 16.67
C GLU A 291 18.70 23.84 16.87
N LEU A 292 18.39 23.11 15.80
CA LEU A 292 18.39 21.64 15.83
C LEU A 292 19.78 21.02 15.67
N ASN A 293 20.78 21.89 15.39
CA ASN A 293 22.16 21.46 15.16
C ASN A 293 23.06 21.92 16.31
N PRO A 294 24.10 21.14 16.64
CA PRO A 294 25.00 21.53 17.73
C PRO A 294 25.62 22.93 17.61
N ASP A 295 26.02 23.34 16.41
CA ASP A 295 26.58 24.69 16.21
C ASP A 295 25.53 25.80 15.98
N GLY A 296 24.25 25.43 16.05
CA GLY A 296 23.18 26.41 15.92
C GLY A 296 22.93 26.95 14.52
N LYS A 297 23.67 26.45 13.53
CA LYS A 297 23.54 26.87 12.14
C LYS A 297 22.72 25.89 11.33
N ARG A 298 21.93 26.40 10.39
CA ARG A 298 21.20 25.53 9.44
C ARG A 298 22.18 24.70 8.60
N LYS A 299 21.86 23.43 8.38
CA LYS A 299 22.58 22.63 7.39
C LYS A 299 22.25 23.17 6.00
N ALA A 300 23.16 22.99 5.05
CA ALA A 300 22.83 23.23 3.65
C ALA A 300 21.85 22.12 3.25
N MET A 301 20.90 22.44 2.37
CA MET A 301 20.00 21.43 1.83
C MET A 301 20.81 20.42 1.01
N ARG A 302 20.35 19.18 0.97
CA ARG A 302 21.08 18.12 0.26
C ARG A 302 20.22 17.61 -0.88
N THR A 303 20.81 17.49 -2.07
CA THR A 303 20.09 17.00 -3.23
C THR A 303 20.72 15.75 -3.84
N ASP A 304 21.74 15.21 -3.16
CA ASP A 304 22.36 13.94 -3.54
C ASP A 304 21.54 12.77 -2.99
N THR A 305 22.08 11.55 -3.11
CA THR A 305 21.36 10.35 -2.65
C THR A 305 22.06 9.58 -1.52
N ALA A 306 23.08 10.18 -0.90
CA ALA A 306 23.76 9.54 0.23
C ALA A 306 22.79 9.37 1.40
N VAL A 307 23.05 8.35 2.22
CA VAL A 307 22.25 8.09 3.42
C VAL A 307 23.18 7.89 4.62
N GLY A 308 22.60 8.01 5.82
CA GLY A 308 23.26 7.59 7.06
C GLY A 308 23.99 8.67 7.85
N TYR A 309 24.13 9.86 7.26
CA TYR A 309 25.01 10.89 7.81
C TYR A 309 24.34 11.88 8.76
N SER A 310 23.02 11.97 8.74
CA SER A 310 22.32 13.01 9.51
C SER A 310 21.81 12.48 10.85
N THR A 311 21.73 13.39 11.83
CA THR A 311 21.17 13.04 13.14
C THR A 311 20.59 14.25 13.85
N LEU A 312 19.46 14.02 14.53
CA LEU A 312 19.00 14.98 15.52
C LEU A 312 19.96 14.89 16.72
N MET A 313 19.95 15.92 17.58
CA MET A 313 20.79 15.93 18.76
C MET A 313 20.09 15.10 19.83
N PRO A 314 20.65 13.92 20.17
CA PRO A 314 19.93 13.00 21.06
C PRO A 314 19.82 13.47 22.51
N ARG A 315 20.70 14.38 22.93
CA ARG A 315 20.74 14.82 24.31
C ARG A 315 20.37 16.29 24.50
N ALA A 316 19.70 16.88 23.51
CA ALA A 316 19.23 18.27 23.65
C ALA A 316 17.72 18.29 23.83
N GLU A 317 17.23 18.99 24.85
CA GLU A 317 15.78 19.07 25.05
C GLU A 317 15.01 19.69 23.88
N ILE A 318 15.66 20.60 23.15
CA ILE A 318 15.04 21.21 21.97
C ILE A 318 14.60 20.15 20.93
N THR A 319 15.38 19.08 20.84
CA THR A 319 15.05 17.96 19.94
C THR A 319 13.70 17.38 20.29
N TYR A 320 13.49 17.13 21.58
CA TYR A 320 12.26 16.50 22.05
C TYR A 320 11.07 17.44 22.03
N GLN A 321 11.31 18.74 22.22
CA GLN A 321 10.27 19.74 21.98
C GLN A 321 9.84 19.76 20.51
N PHE A 322 10.81 19.81 19.61
CA PHE A 322 10.56 19.72 18.17
C PHE A 322 9.74 18.45 17.84
N VAL A 323 10.21 17.29 18.28
CA VAL A 323 9.49 16.04 18.01
C VAL A 323 8.05 16.07 18.55
N GLU A 324 7.89 16.56 19.78
CA GLU A 324 6.55 16.67 20.37
C GLU A 324 5.62 17.59 19.56
N ASP A 325 6.12 18.73 19.10
CA ASP A 325 5.30 19.63 18.30
C ASP A 325 4.86 18.97 17.00
N VAL A 326 5.80 18.26 16.36
CA VAL A 326 5.51 17.55 15.11
C VAL A 326 4.46 16.46 15.35
N ILE A 327 4.73 15.61 16.36
CA ILE A 327 3.80 14.54 16.71
C ILE A 327 2.43 15.06 17.11
N SER A 328 2.37 16.12 17.92
CA SER A 328 1.07 16.73 18.30
C SER A 328 0.24 17.09 17.06
N GLU A 329 0.86 17.79 16.13
CA GLU A 329 0.15 18.27 14.93
C GLU A 329 -0.25 17.15 13.99
N LEU A 330 0.64 16.19 13.81
CA LEU A 330 0.38 15.05 12.94
C LEU A 330 -0.68 14.14 13.55
N ALA A 331 -0.58 13.86 14.85
CA ALA A 331 -1.62 13.07 15.52
C ALA A 331 -3.03 13.67 15.37
N ALA A 332 -3.14 15.00 15.43
CA ALA A 332 -4.42 15.71 15.32
C ALA A 332 -5.09 15.51 13.96
N ILE A 333 -4.30 15.18 12.93
CA ILE A 333 -4.83 15.09 11.57
C ILE A 333 -4.75 13.69 10.97
N SER A 334 -4.25 12.74 11.77
CA SER A 334 -4.01 11.37 11.30
C SER A 334 -4.74 10.38 12.19
N PRO A 335 -5.89 9.88 11.73
CA PRO A 335 -6.70 8.97 12.56
C PRO A 335 -6.12 7.58 12.83
N SER A 336 -5.18 7.11 12.01
CA SER A 336 -4.55 5.79 12.28
C SER A 336 -4.05 5.75 13.72
N PRO A 337 -4.25 4.62 14.43
CA PRO A 337 -3.64 4.47 15.76
C PRO A 337 -2.12 4.41 15.74
N TYR A 338 -1.53 4.37 14.54
CA TYR A 338 -0.07 4.29 14.35
C TYR A 338 0.58 5.53 13.78
N ILE A 339 1.77 5.81 14.29
CA ILE A 339 2.65 6.82 13.77
C ILE A 339 4.00 6.12 13.53
N HIS A 340 4.56 6.28 12.33
CA HIS A 340 5.84 5.64 12.01
C HIS A 340 6.94 6.67 12.28
N LEU A 341 7.89 6.33 13.16
CA LEU A 341 8.96 7.26 13.53
C LEU A 341 10.31 6.87 12.91
N GLY A 342 10.29 6.00 11.91
CA GLY A 342 11.50 5.63 11.19
C GLY A 342 12.47 4.84 12.04
N GLY A 343 13.67 5.39 12.23
CA GLY A 343 14.71 4.70 13.01
C GLY A 343 15.75 3.97 12.19
N ASP A 344 15.72 4.13 10.87
CA ASP A 344 16.65 3.44 9.97
C ASP A 344 17.93 4.25 9.75
N GLU A 345 19.03 3.54 9.53
CA GLU A 345 20.27 4.13 9.05
C GLU A 345 20.69 5.35 9.86
N SER A 346 20.58 5.24 11.18
CA SER A 346 21.03 6.30 12.10
C SER A 346 22.53 6.15 12.38
N ASN A 347 23.33 6.18 11.31
CA ASN A 347 24.76 5.87 11.39
C ASN A 347 25.59 6.97 12.04
N ALA A 348 24.97 8.13 12.24
CA ALA A 348 25.62 9.25 12.92
C ALA A 348 25.12 9.36 14.35
N THR A 349 24.38 8.34 14.79
CA THR A 349 23.87 8.29 16.15
C THR A 349 24.46 7.07 16.84
N SER A 350 25.03 7.26 18.04
CA SER A 350 25.63 6.14 18.77
C SER A 350 24.54 5.16 19.21
N ALA A 351 24.92 3.91 19.40
CA ALA A 351 23.99 2.89 19.91
C ALA A 351 23.29 3.35 21.20
N ALA A 352 24.06 3.93 22.13
CA ALA A 352 23.50 4.38 23.41
C ALA A 352 22.47 5.50 23.19
N ASP A 353 22.81 6.45 22.32
CA ASP A 353 21.94 7.60 22.07
C ASP A 353 20.69 7.18 21.29
N TYR A 354 20.85 6.19 20.42
CA TYR A 354 19.72 5.71 19.63
C TYR A 354 18.69 5.01 20.52
N ASP A 355 19.18 4.20 21.47
CA ASP A 355 18.30 3.50 22.41
C ASP A 355 17.47 4.52 23.19
N TYR A 356 18.18 5.52 23.71
CA TYR A 356 17.61 6.59 24.51
C TYR A 356 16.66 7.43 23.68
N PHE A 357 17.12 7.88 22.52
CA PHE A 357 16.27 8.70 21.66
C PHE A 357 14.96 8.00 21.30
N PHE A 358 15.06 6.76 20.81
CA PHE A 358 13.87 6.12 20.30
C PHE A 358 12.87 5.82 21.43
N GLY A 359 13.38 5.56 22.63
CA GLY A 359 12.51 5.37 23.79
C GLY A 359 11.79 6.66 24.17
N ARG A 360 12.51 7.78 24.13
CA ARG A 360 11.90 9.06 24.44
C ARG A 360 10.83 9.46 23.46
N VAL A 361 11.08 9.27 22.17
CA VAL A 361 10.08 9.67 21.19
C VAL A 361 8.87 8.73 21.18
N THR A 362 9.10 7.48 21.54
CA THR A 362 8.00 6.51 21.72
C THR A 362 7.07 6.94 22.86
N ALA A 363 7.67 7.41 23.95
CA ALA A 363 6.89 7.95 25.07
C ALA A 363 6.03 9.13 24.63
N ILE A 364 6.61 10.03 23.81
CA ILE A 364 5.87 11.20 23.34
C ILE A 364 4.69 10.73 22.46
N ALA A 365 4.97 9.87 21.50
CA ALA A 365 3.92 9.36 20.61
C ALA A 365 2.79 8.72 21.42
N ASN A 366 3.14 7.88 22.39
CA ASN A 366 2.13 7.22 23.23
C ASN A 366 1.29 8.22 24.03
N SER A 367 1.92 9.32 24.46
CA SER A 367 1.21 10.37 25.21
C SER A 367 0.17 11.09 24.36
N TYR A 368 0.36 11.03 23.04
CA TYR A 368 -0.59 11.60 22.08
C TYR A 368 -1.51 10.53 21.49
N GLY A 369 -1.54 9.37 22.17
CA GLY A 369 -2.48 8.30 21.84
C GLY A 369 -2.10 7.48 20.63
N LYS A 370 -0.83 7.55 20.23
CA LYS A 370 -0.36 6.81 19.04
C LYS A 370 0.67 5.74 19.42
N LYS A 371 0.52 4.56 18.81
CA LYS A 371 1.51 3.49 18.86
C LYS A 371 2.56 3.75 17.77
N VAL A 372 3.77 3.28 18.01
CA VAL A 372 4.92 3.59 17.15
C VAL A 372 5.28 2.41 16.26
N VAL A 373 5.43 2.69 14.97
CA VAL A 373 6.07 1.76 14.04
C VAL A 373 7.48 2.29 13.80
N GLY A 374 8.46 1.40 13.67
CA GLY A 374 9.81 1.85 13.36
C GLY A 374 10.56 0.78 12.59
N TRP A 375 11.45 1.20 11.69
CA TRP A 375 12.37 0.28 11.00
C TRP A 375 13.29 -0.42 12.00
N ASP A 376 13.74 -1.65 11.71
CA ASP A 376 14.84 -2.18 12.53
C ASP A 376 16.05 -1.23 12.44
N PRO A 377 16.83 -1.10 13.52
CA PRO A 377 16.78 -1.85 14.77
C PRO A 377 15.98 -1.18 15.91
N SER A 378 14.91 -0.45 15.58
CA SER A 378 14.19 0.35 16.60
C SER A 378 13.55 -0.50 17.69
N ASP A 379 13.25 -1.76 17.37
CA ASP A 379 12.68 -2.69 18.35
C ASP A 379 13.62 -2.95 19.55
N THR A 380 14.92 -2.75 19.34
CA THR A 380 15.91 -2.92 20.41
C THR A 380 15.87 -1.81 21.44
N SER A 381 15.14 -0.73 21.18
CA SER A 381 15.09 0.35 22.15
C SER A 381 14.42 -0.11 23.45
N SER A 382 15.05 0.19 24.58
CA SER A 382 14.51 -0.21 25.87
C SER A 382 13.19 0.51 26.16
N GLY A 383 12.91 1.57 25.40
CA GLY A 383 11.66 2.31 25.53
C GLY A 383 10.51 1.78 24.69
N ALA A 384 10.76 0.74 23.90
CA ALA A 384 9.68 0.13 23.11
C ALA A 384 8.68 -0.59 24.03
N THR A 385 7.44 -0.74 23.57
CA THR A 385 6.46 -1.55 24.28
C THR A 385 5.99 -2.67 23.37
N SER A 386 5.21 -3.61 23.90
CA SER A 386 4.66 -4.66 23.05
C SER A 386 3.62 -4.12 22.05
N ASP A 387 3.16 -2.88 22.26
CA ASP A 387 2.29 -2.19 21.30
C ASP A 387 3.05 -1.57 20.13
N SER A 388 4.35 -1.39 20.28
CA SER A 388 5.18 -0.89 19.18
C SER A 388 5.24 -1.97 18.09
N VAL A 389 5.49 -1.55 16.85
CA VAL A 389 5.56 -2.47 15.73
C VAL A 389 6.92 -2.36 15.06
N LEU A 390 7.52 -3.50 14.71
CA LEU A 390 8.77 -3.48 13.99
C LEU A 390 8.50 -3.62 12.49
N GLN A 391 9.05 -2.70 11.69
CA GLN A 391 9.12 -2.95 10.25
C GLN A 391 10.51 -3.50 9.96
N ASN A 392 10.54 -4.80 9.72
CA ASN A 392 11.77 -5.56 9.56
C ASN A 392 12.16 -5.49 8.08
N TRP A 393 13.12 -4.62 7.74
CA TRP A 393 13.59 -4.51 6.36
C TRP A 393 14.88 -5.29 6.14
N THR A 394 15.71 -5.34 7.17
CA THR A 394 17.00 -6.02 7.07
C THR A 394 16.86 -7.52 6.78
N CYS A 395 15.93 -8.16 7.51
CA CYS A 395 15.58 -9.58 7.30
C CYS A 395 16.80 -10.49 7.43
N SER A 396 17.61 -10.24 8.45
CA SER A 396 18.76 -11.11 8.72
C SER A 396 18.43 -12.01 9.90
N ALA A 397 19.29 -13.00 10.17
CA ALA A 397 19.06 -13.98 11.24
C ALA A 397 18.70 -13.35 12.58
N SER A 398 19.35 -12.25 12.94
CA SER A 398 19.16 -11.66 14.27
C SER A 398 18.14 -10.52 14.31
N THR A 399 17.71 -10.03 13.15
CA THR A 399 16.78 -8.89 13.11
C THR A 399 15.47 -9.26 13.80
N GLY A 400 14.96 -8.36 14.64
CA GLY A 400 13.69 -8.59 15.32
C GLY A 400 13.73 -9.57 16.48
N THR A 401 14.94 -9.89 16.94
CA THR A 401 15.12 -10.65 18.18
C THR A 401 14.42 -9.94 19.33
N ALA A 402 14.68 -8.64 19.44
CA ALA A 402 14.04 -7.80 20.45
C ALA A 402 12.52 -7.79 20.31
N ALA A 403 12.02 -7.50 19.11
CA ALA A 403 10.58 -7.49 18.86
C ALA A 403 9.93 -8.79 19.29
N LYS A 404 10.55 -9.91 18.92
CA LYS A 404 9.99 -11.23 19.25
C LYS A 404 9.89 -11.42 20.77
N ALA A 405 10.96 -11.08 21.48
CA ALA A 405 11.03 -11.19 22.94
C ALA A 405 10.01 -10.29 23.63
N LYS A 406 9.73 -9.15 23.03
CA LYS A 406 8.81 -8.15 23.58
C LYS A 406 7.35 -8.31 23.13
N GLY A 407 7.08 -9.28 22.27
CA GLY A 407 5.72 -9.51 21.79
C GLY A 407 5.22 -8.48 20.79
N MET A 408 6.16 -7.84 20.09
CA MET A 408 5.82 -6.84 19.07
C MET A 408 5.47 -7.51 17.73
N LYS A 409 4.38 -7.05 17.12
CA LYS A 409 4.02 -7.38 15.75
C LYS A 409 5.11 -6.95 14.79
N VAL A 410 5.27 -7.70 13.70
CA VAL A 410 6.32 -7.45 12.71
C VAL A 410 5.73 -7.31 11.31
N ILE A 411 6.09 -6.24 10.61
CA ILE A 411 5.76 -6.05 9.19
C ILE A 411 7.05 -6.33 8.47
N VAL A 412 7.01 -7.21 7.46
CA VAL A 412 8.22 -7.56 6.70
C VAL A 412 8.35 -6.84 5.37
N SER A 413 9.57 -6.36 5.11
CA SER A 413 9.91 -5.67 3.87
C SER A 413 11.29 -6.14 3.42
N PRO A 414 11.40 -7.41 2.97
CA PRO A 414 12.68 -7.94 2.51
C PRO A 414 13.08 -7.34 1.17
N ALA A 415 14.23 -7.76 0.63
CA ALA A 415 14.63 -7.32 -0.72
C ALA A 415 13.49 -7.54 -1.71
N ASN A 416 12.77 -8.65 -1.56
CA ASN A 416 11.66 -8.99 -2.47
C ASN A 416 10.50 -7.97 -2.47
N ALA A 417 10.47 -7.12 -1.45
CA ALA A 417 9.45 -6.06 -1.30
C ALA A 417 10.01 -4.67 -1.56
N TYR A 418 11.31 -4.60 -1.86
CA TYR A 418 11.96 -3.33 -2.21
C TYR A 418 11.79 -3.08 -3.71
N LEU A 419 10.62 -2.53 -4.04
CA LEU A 419 10.16 -2.48 -5.44
C LEU A 419 10.89 -1.41 -6.25
N ASP A 420 11.66 -0.57 -5.54
CA ASP A 420 12.50 0.45 -6.19
C ASP A 420 13.78 -0.15 -6.80
N MET A 421 14.10 -1.41 -6.48
CA MET A 421 15.25 -2.07 -7.11
C MET A 421 14.98 -2.27 -8.59
N LYS A 422 16.02 -2.09 -9.39
CA LYS A 422 15.96 -2.42 -10.81
C LYS A 422 15.35 -3.80 -11.04
N TYR A 423 14.55 -3.94 -12.10
CA TYR A 423 14.10 -5.28 -12.52
C TYR A 423 15.35 -6.12 -12.93
N TYR A 424 16.25 -5.47 -13.67
CA TYR A 424 17.44 -6.11 -14.26
C TYR A 424 18.60 -5.16 -14.25
N SER A 425 19.81 -5.70 -14.43
CA SER A 425 21.02 -4.88 -14.55
C SER A 425 20.83 -3.67 -15.44
N ASP A 426 20.11 -3.83 -16.54
CA ASP A 426 19.99 -2.77 -17.52
C ASP A 426 18.75 -1.87 -17.36
N SER A 427 18.02 -1.99 -16.24
CA SER A 427 16.86 -1.10 -16.03
C SER A 427 17.25 0.36 -16.10
N PRO A 428 16.43 1.21 -16.75
CA PRO A 428 16.73 2.63 -16.95
C PRO A 428 16.56 3.46 -15.67
N ILE A 429 15.83 2.91 -14.71
CA ILE A 429 15.60 3.56 -13.41
C ILE A 429 15.68 2.49 -12.31
N GLY A 430 15.79 2.93 -11.07
CA GLY A 430 15.84 2.01 -9.95
C GLY A 430 17.23 1.93 -9.33
N LEU A 431 17.31 1.39 -8.12
CA LEU A 431 18.59 1.20 -7.45
C LEU A 431 18.93 -0.29 -7.44
N GLN A 432 20.03 -0.65 -6.78
CA GLN A 432 20.44 -2.06 -6.78
C GLN A 432 21.22 -2.48 -5.55
N TRP A 433 21.09 -1.70 -4.47
CA TRP A 433 21.81 -2.05 -3.24
C TRP A 433 21.22 -3.27 -2.51
N ARG A 434 20.08 -3.76 -2.98
CA ARG A 434 19.55 -5.05 -2.53
C ARG A 434 19.48 -6.02 -3.70
N GLY A 435 20.27 -5.75 -4.73
CA GLY A 435 20.25 -6.59 -5.94
C GLY A 435 19.12 -6.16 -6.86
N PHE A 436 18.75 -7.04 -7.79
CA PHE A 436 17.67 -6.73 -8.72
C PHE A 436 16.42 -7.43 -8.23
N VAL A 437 15.26 -6.82 -8.46
CA VAL A 437 13.98 -7.42 -8.08
C VAL A 437 13.03 -7.37 -9.27
N ASN A 438 12.96 -8.48 -10.00
CA ASN A 438 11.97 -8.59 -11.10
C ASN A 438 10.64 -9.13 -10.56
N THR A 439 9.69 -9.38 -11.45
CA THR A 439 8.34 -9.77 -11.03
C THR A 439 8.35 -11.14 -10.34
N ASN A 440 9.23 -12.01 -10.81
CA ASN A 440 9.41 -13.33 -10.24
C ASN A 440 9.97 -13.27 -8.82
N ARG A 441 11.05 -12.49 -8.63
CA ARG A 441 11.61 -12.30 -7.30
C ARG A 441 10.59 -11.68 -6.32
N ALA A 442 9.75 -10.78 -6.84
CA ALA A 442 8.75 -10.10 -6.02
C ALA A 442 7.64 -11.06 -5.60
N TYR A 443 7.55 -12.21 -6.27
CA TYR A 443 6.56 -13.26 -5.97
C TYR A 443 7.09 -14.43 -5.13
N ASN A 444 8.30 -14.90 -5.47
CA ASN A 444 8.83 -16.15 -4.93
C ASN A 444 9.49 -16.03 -3.55
N TRP A 445 8.65 -15.75 -2.56
CA TRP A 445 9.08 -15.66 -1.17
C TRP A 445 7.87 -15.79 -0.27
N ASP A 446 8.13 -15.90 1.03
CA ASP A 446 7.06 -15.94 2.03
C ASP A 446 7.51 -15.12 3.23
N PRO A 447 6.56 -14.43 3.90
CA PRO A 447 6.98 -13.67 5.08
C PRO A 447 7.72 -14.48 6.14
N THR A 448 7.36 -15.74 6.29
CA THR A 448 8.04 -16.64 7.24
C THR A 448 9.51 -16.89 6.87
N ASP A 449 9.86 -16.62 5.60
CA ASP A 449 11.26 -16.63 5.17
C ASP A 449 12.08 -15.55 5.88
N CYS A 450 11.50 -14.36 6.08
CA CYS A 450 12.25 -13.17 6.55
C CYS A 450 12.58 -13.24 8.03
N ILE A 451 11.64 -13.79 8.81
CA ILE A 451 11.77 -13.89 10.26
C ILE A 451 11.02 -15.12 10.77
N LYS A 452 11.65 -15.83 11.71
CA LYS A 452 11.06 -17.02 12.32
C LYS A 452 10.67 -16.73 13.76
N GLY A 453 9.58 -17.35 14.21
CA GLY A 453 9.13 -17.26 15.60
C GLY A 453 8.51 -15.93 15.98
N ALA A 454 8.06 -15.18 14.98
CA ALA A 454 7.47 -13.84 15.19
C ALA A 454 5.97 -13.84 14.96
N ASN A 455 5.33 -12.79 15.48
CA ASN A 455 3.94 -12.49 15.19
C ASN A 455 4.04 -11.59 13.97
N ILE A 456 3.86 -12.20 12.80
CA ILE A 456 3.97 -11.45 11.55
C ILE A 456 2.61 -10.82 11.22
N TYR A 457 2.58 -9.51 11.33
CA TYR A 457 1.40 -8.69 11.08
C TYR A 457 1.14 -8.63 9.59
N GLY A 458 2.21 -8.56 8.80
CA GLY A 458 2.06 -8.59 7.35
C GLY A 458 3.27 -8.17 6.57
N VAL A 459 2.99 -7.61 5.39
CA VAL A 459 3.98 -7.29 4.36
C VAL A 459 3.85 -5.83 3.98
N GLU A 460 4.97 -5.17 3.70
CA GLU A 460 4.88 -3.84 3.08
C GLU A 460 5.88 -3.67 1.94
N SER A 461 5.33 -3.35 0.77
CA SER A 461 6.13 -3.04 -0.41
C SER A 461 6.64 -1.60 -0.24
N THR A 462 7.94 -1.38 -0.43
CA THR A 462 8.49 -0.02 -0.23
C THR A 462 8.96 0.56 -1.55
N LEU A 463 8.36 1.69 -1.95
CA LEU A 463 8.83 2.37 -3.14
C LEU A 463 9.58 3.67 -2.79
N TRP A 464 10.89 3.51 -2.59
CA TRP A 464 11.83 4.62 -2.40
C TRP A 464 11.96 5.35 -3.72
N THR A 465 12.28 6.64 -3.69
CA THR A 465 12.18 7.43 -4.93
C THR A 465 13.44 8.20 -5.29
N GLU A 466 14.61 7.71 -4.86
CA GLU A 466 15.89 8.35 -5.26
C GLU A 466 15.94 8.61 -6.76
N THR A 467 15.41 7.66 -7.54
CA THR A 467 15.56 7.74 -8.99
C THR A 467 14.25 7.84 -9.77
N PHE A 468 13.14 8.04 -9.06
CA PHE A 468 11.84 8.18 -9.73
C PHE A 468 11.35 9.61 -9.62
N VAL A 469 11.08 10.21 -10.77
CA VAL A 469 10.74 11.63 -10.88
C VAL A 469 9.28 11.81 -11.30
N THR A 470 8.82 10.93 -12.19
CA THR A 470 7.50 11.09 -12.82
C THR A 470 6.52 9.98 -12.41
N GLN A 471 5.23 10.22 -12.64
CA GLN A 471 4.23 9.18 -12.44
C GLN A 471 4.56 7.94 -13.28
N ASP A 472 5.01 8.13 -14.52
CA ASP A 472 5.36 6.97 -15.35
C ASP A 472 6.43 6.09 -14.66
N HIS A 473 7.39 6.73 -13.99
CA HIS A 473 8.43 5.98 -13.27
C HIS A 473 7.84 5.14 -12.16
N LEU A 474 6.92 5.71 -11.40
CA LEU A 474 6.20 4.97 -10.35
C LEU A 474 5.46 3.77 -10.93
N ASP A 475 4.69 4.00 -12.00
CA ASP A 475 3.93 2.92 -12.64
C ASP A 475 4.84 1.78 -13.10
N TYR A 476 5.97 2.15 -13.72
CA TYR A 476 6.90 1.19 -14.31
C TYR A 476 7.44 0.21 -13.26
N MET A 477 7.73 0.73 -12.06
CA MET A 477 8.30 -0.08 -10.97
C MET A 477 7.25 -0.82 -10.14
N LEU A 478 6.09 -0.21 -9.95
CA LEU A 478 5.04 -0.82 -9.14
C LEU A 478 4.24 -1.85 -9.92
N TYR A 479 4.22 -1.72 -11.24
CA TYR A 479 3.44 -2.63 -12.06
C TYR A 479 4.29 -3.29 -13.14
N PRO A 480 4.38 -4.63 -13.12
CA PRO A 480 3.60 -5.56 -12.28
C PRO A 480 4.12 -6.01 -10.90
N LYS A 481 5.22 -5.44 -10.42
CA LYS A 481 5.86 -5.94 -9.17
C LYS A 481 4.96 -5.94 -7.96
N LEU A 482 4.18 -4.87 -7.79
CA LEU A 482 3.28 -4.77 -6.66
C LEU A 482 2.24 -5.90 -6.64
N LEU A 483 1.84 -6.36 -7.83
CA LEU A 483 0.87 -7.46 -7.96
C LEU A 483 1.43 -8.73 -7.31
N SER A 484 2.73 -8.96 -7.49
CA SER A 484 3.39 -10.09 -6.87
C SER A 484 3.34 -9.98 -5.35
N ASN A 485 3.77 -8.83 -4.82
CA ASN A 485 3.78 -8.64 -3.35
C ASN A 485 2.36 -8.72 -2.79
N ALA A 486 1.39 -8.18 -3.53
CA ALA A 486 -0.01 -8.17 -3.09
C ALA A 486 -0.53 -9.60 -2.91
N GLU A 487 -0.13 -10.49 -3.82
CA GLU A 487 -0.53 -11.88 -3.72
C GLU A 487 0.18 -12.60 -2.56
N VAL A 488 1.45 -12.27 -2.35
CA VAL A 488 2.18 -12.80 -1.18
C VAL A 488 1.48 -12.38 0.13
N GLY A 489 0.90 -11.18 0.18
CA GLY A 489 0.18 -10.75 1.39
C GLY A 489 -1.18 -11.40 1.57
N TRP A 490 -1.90 -11.60 0.46
CA TRP A 490 -3.29 -12.07 0.48
C TRP A 490 -3.43 -13.60 0.43
N THR A 491 -2.78 -14.22 -0.54
CA THR A 491 -2.98 -15.62 -0.86
C THR A 491 -2.12 -16.50 0.03
N ALA A 492 -2.70 -17.58 0.55
CA ALA A 492 -1.96 -18.47 1.43
C ALA A 492 -0.80 -19.12 0.67
N ARG A 493 0.32 -19.37 1.38
CA ARG A 493 1.53 -19.89 0.72
C ARG A 493 1.27 -21.16 -0.08
N GLY A 494 0.46 -22.05 0.48
CA GLY A 494 0.13 -23.33 -0.14
C GLY A 494 -0.59 -23.20 -1.47
N ASP A 495 -1.18 -22.02 -1.70
CA ASP A 495 -1.90 -21.75 -2.95
C ASP A 495 -1.13 -20.88 -3.94
N ARG A 496 0.10 -20.50 -3.58
CA ARG A 496 0.93 -19.66 -4.46
C ARG A 496 1.87 -20.51 -5.28
N ASN A 497 2.03 -20.14 -6.54
CA ASN A 497 2.81 -20.91 -7.49
C ASN A 497 3.16 -19.93 -8.62
N TRP A 498 4.46 -19.72 -8.86
CA TRP A 498 4.88 -18.75 -9.88
C TRP A 498 4.34 -19.06 -11.26
N ASP A 499 4.39 -20.33 -11.67
CA ASP A 499 3.88 -20.71 -12.99
C ASP A 499 2.41 -20.34 -13.17
N ASP A 500 1.61 -20.58 -12.13
CA ASP A 500 0.21 -20.16 -12.10
C ASP A 500 0.05 -18.62 -12.16
N PHE A 501 0.73 -17.92 -11.26
CA PHE A 501 0.66 -16.45 -11.20
C PHE A 501 1.10 -15.82 -12.50
N LYS A 502 2.22 -16.30 -13.04
CA LYS A 502 2.76 -15.78 -14.30
C LYS A 502 1.70 -15.83 -15.41
N GLU A 503 1.04 -16.97 -15.56
CA GLU A 503 0.04 -17.09 -16.63
C GLU A 503 -1.17 -16.19 -16.34
N ARG A 504 -1.62 -16.14 -15.10
CA ARG A 504 -2.70 -15.21 -14.71
C ARG A 504 -2.32 -13.75 -14.98
N LEU A 505 -1.06 -13.41 -14.73
CA LEU A 505 -0.58 -12.05 -14.95
C LEU A 505 -0.59 -11.69 -16.44
N ILE A 506 -0.15 -12.62 -17.28
CA ILE A 506 -0.24 -12.44 -18.74
C ILE A 506 -1.69 -12.12 -19.12
N GLU A 507 -2.63 -12.94 -18.64
CA GLU A 507 -4.05 -12.74 -18.92
C GLU A 507 -4.55 -11.37 -18.44
N HIS A 508 -3.93 -10.87 -17.37
CA HIS A 508 -4.33 -9.61 -16.72
C HIS A 508 -3.83 -8.38 -17.47
N THR A 509 -2.84 -8.56 -18.34
CA THR A 509 -2.16 -7.43 -18.99
C THR A 509 -3.09 -6.39 -19.61
N PRO A 510 -4.12 -6.82 -20.39
CA PRO A 510 -5.00 -5.80 -20.95
C PRO A 510 -5.63 -4.91 -19.88
N ARG A 511 -5.84 -5.44 -18.68
CA ARG A 511 -6.46 -4.65 -17.62
C ARG A 511 -5.52 -3.54 -17.13
N LEU A 512 -4.24 -3.85 -17.03
CA LEU A 512 -3.24 -2.82 -16.68
C LEU A 512 -3.22 -1.71 -17.74
N GLN A 513 -3.24 -2.14 -19.00
CA GLN A 513 -3.32 -1.23 -20.14
C GLN A 513 -4.54 -0.32 -20.04
N ASN A 514 -5.69 -0.93 -19.75
CA ASN A 514 -6.97 -0.22 -19.71
C ASN A 514 -7.03 0.81 -18.61
N LYS A 515 -6.32 0.54 -17.52
CA LYS A 515 -6.23 1.45 -16.37
C LYS A 515 -5.27 2.62 -16.63
N GLY A 516 -4.54 2.56 -17.74
CA GLY A 516 -3.59 3.62 -18.08
C GLY A 516 -2.31 3.52 -17.29
N ILE A 517 -2.01 2.33 -16.79
CA ILE A 517 -0.80 2.10 -16.02
C ILE A 517 0.36 1.89 -16.99
N LYS A 518 1.43 2.67 -16.81
CA LYS A 518 2.59 2.57 -17.70
C LYS A 518 3.55 1.54 -17.11
N PHE A 519 3.09 0.29 -17.12
CA PHE A 519 3.79 -0.84 -16.50
C PHE A 519 5.02 -1.24 -17.31
N PHE A 520 5.92 -1.99 -16.69
CA PHE A 520 7.02 -2.62 -17.43
C PHE A 520 6.59 -3.99 -17.93
N ALA A 521 6.77 -4.24 -19.24
CA ALA A 521 6.48 -5.56 -19.79
C ALA A 521 7.67 -6.48 -19.47
N ASP A 522 7.63 -7.06 -18.29
CA ASP A 522 8.77 -7.83 -17.78
C ASP A 522 9.01 -9.07 -18.64
N PRO A 523 10.22 -9.22 -19.21
CA PRO A 523 10.51 -10.39 -20.04
C PRO A 523 10.50 -11.74 -19.34
N ILE A 524 10.37 -11.76 -18.02
CA ILE A 524 10.21 -13.02 -17.29
C ILE A 524 8.74 -13.46 -17.21
N VAL A 525 7.85 -12.60 -17.68
CA VAL A 525 6.43 -12.91 -17.71
C VAL A 525 5.97 -13.27 -19.14
S SO4 B . -30.85 -17.28 -10.31
O1 SO4 B . -30.38 -16.14 -9.52
O2 SO4 B . -32.29 -17.22 -10.39
O3 SO4 B . -30.24 -17.19 -11.65
O4 SO4 B . -30.46 -18.53 -9.66
C ACY C . 15.57 1.85 4.59
O ACY C . 16.34 2.81 4.82
OXT ACY C . 15.58 1.16 3.54
CH3 ACY C . 14.58 1.48 5.65
#